data_5JNQ
#
_entry.id   5JNQ
#
_cell.length_a   92.640
_cell.length_b   105.540
_cell.length_c   134.960
_cell.angle_alpha   90.00
_cell.angle_beta   90.00
_cell.angle_gamma   90.00
#
_symmetry.space_group_name_H-M   'C 2 2 21'
#
loop_
_entity.id
_entity.type
_entity.pdbx_description
1 polymer Phospho-N-acetylmuramoyl-pentapeptide-transferase
2 non-polymer Tunicamycin
3 non-polymer 'PALMITIC ACID'
4 non-polymer 'octyl beta-D-glucopyranoside'
5 water water
#
_entity_poly.entity_id   1
_entity_poly.type   'polypeptide(L)'
_entity_poly.pdbx_seq_one_letter_code
;MGTSRDHMVLHEYVNAAGITGGSGGSENLYFQSMIHETILAIIIAFAISALLCPIIIPFLHKLKFGQQVRDDGPESHLKK
QGTPTMGGLIILSSIIITSVFYIPSYPKIIPVLFVTVGFGIIGFLDDYIKIVMKRSEGLKPMQKLVGQFIITGIFAWYLL
NSGEVGTDMLIPFTGGFDGGSFLSLGIFFVPALFFIMLGTDNGVNFTDGLDGLCTSVTILVATFLTIVAIGEDMGISPIT
GAVVGSLLGFLLFNVYPAKVFMGDTGSLALGGFVAASCYMMRMPLFIPVIGLIYLVEVLSVIIQVTYFKRTGGKRIFKMA
PIHHHFELCGWSETRVVAVFAIVTAILCMVAYLGLGSGSENLYFQSHHHHHHHHHH
;
_entity_poly.pdbx_strand_id   A
#
# COMPACT_ATOMS: atom_id res chain seq x y z
N GLU A 27 -13.71 -20.07 -20.74
CA GLU A 27 -14.20 -18.86 -21.41
C GLU A 27 -14.62 -17.77 -20.40
N ASN A 28 -15.92 -17.43 -20.36
CA ASN A 28 -16.53 -16.48 -19.43
C ASN A 28 -16.54 -17.09 -18.02
N LEU A 29 -16.67 -18.44 -17.95
CA LEU A 29 -16.66 -19.27 -16.74
C LEU A 29 -15.33 -19.11 -16.00
N TYR A 30 -14.21 -19.06 -16.77
CA TYR A 30 -12.85 -18.87 -16.24
C TYR A 30 -12.77 -17.57 -15.45
N PHE A 31 -13.21 -16.46 -16.06
CA PHE A 31 -13.22 -15.14 -15.44
C PHE A 31 -14.25 -15.06 -14.32
N GLN A 32 -15.44 -15.69 -14.51
CA GLN A 32 -16.53 -15.72 -13.52
C GLN A 32 -16.09 -16.40 -12.22
N SER A 33 -15.46 -17.59 -12.32
CA SER A 33 -14.92 -18.34 -11.16
C SER A 33 -13.84 -17.54 -10.44
N MET A 34 -12.97 -16.83 -11.21
CA MET A 34 -11.92 -15.93 -10.69
C MET A 34 -12.55 -14.78 -9.88
N ILE A 35 -13.59 -14.11 -10.45
CA ILE A 35 -14.33 -13.02 -9.81
C ILE A 35 -14.97 -13.52 -8.51
N HIS A 36 -15.58 -14.73 -8.55
CA HIS A 36 -16.21 -15.36 -7.40
C HIS A 36 -15.20 -15.74 -6.30
N GLU A 37 -13.99 -16.22 -6.70
CA GLU A 37 -12.92 -16.57 -5.76
C GLU A 37 -12.29 -15.33 -5.13
N THR A 38 -12.22 -14.23 -5.89
CA THR A 38 -11.67 -12.95 -5.45
C THR A 38 -12.65 -12.25 -4.49
N ILE A 39 -13.96 -12.22 -4.84
CA ILE A 39 -15.01 -11.64 -3.97
C ILE A 39 -15.02 -12.41 -2.65
N LEU A 40 -14.86 -13.75 -2.73
CA LEU A 40 -14.79 -14.63 -1.56
C LEU A 40 -13.60 -14.27 -0.68
N ALA A 41 -12.42 -14.05 -1.28
CA ALA A 41 -11.19 -13.66 -0.56
C ALA A 41 -11.40 -12.36 0.22
N ILE A 42 -12.16 -11.39 -0.34
CA ILE A 42 -12.47 -10.12 0.30
C ILE A 42 -13.31 -10.36 1.57
N ILE A 43 -14.42 -11.13 1.45
CA ILE A 43 -15.33 -11.45 2.56
C ILE A 43 -14.60 -12.29 3.66
N ILE A 44 -13.73 -13.26 3.24
CA ILE A 44 -12.94 -14.11 4.14
C ILE A 44 -12.03 -13.21 5.00
N ALA A 45 -11.19 -12.37 4.36
CA ALA A 45 -10.30 -11.45 5.04
C ALA A 45 -11.06 -10.38 5.83
N PHE A 46 -12.27 -9.98 5.38
CA PHE A 46 -13.07 -9.02 6.13
C PHE A 46 -13.53 -9.63 7.45
N ALA A 47 -14.02 -10.89 7.41
CA ALA A 47 -14.49 -11.63 8.58
C ALA A 47 -13.38 -11.86 9.61
N ILE A 48 -12.15 -12.21 9.15
CA ILE A 48 -10.99 -12.44 10.00
C ILE A 48 -10.58 -11.15 10.70
N SER A 49 -10.36 -10.08 9.91
CA SER A 49 -9.96 -8.74 10.38
C SER A 49 -10.97 -8.13 11.36
N ALA A 50 -12.29 -8.23 11.05
CA ALA A 50 -13.35 -7.69 11.92
C ALA A 50 -13.48 -8.46 13.23
N LEU A 51 -13.20 -9.79 13.22
CA LEU A 51 -13.29 -10.61 14.43
C LEU A 51 -12.03 -10.59 15.27
N LEU A 52 -10.84 -10.40 14.66
CA LEU A 52 -9.57 -10.35 15.39
C LEU A 52 -9.42 -9.07 16.21
N CYS A 53 -9.86 -7.92 15.64
CA CYS A 53 -9.79 -6.59 16.28
C CYS A 53 -10.32 -6.55 17.73
N PRO A 54 -11.56 -7.01 18.08
CA PRO A 54 -11.98 -6.95 19.49
C PRO A 54 -11.25 -7.93 20.42
N ILE A 55 -10.56 -8.94 19.84
CA ILE A 55 -9.79 -9.96 20.56
C ILE A 55 -8.35 -9.47 20.82
N ILE A 56 -7.73 -8.81 19.82
CA ILE A 56 -6.36 -8.32 19.87
C ILE A 56 -6.26 -6.88 20.44
N ILE A 57 -7.35 -6.09 20.44
CA ILE A 57 -7.35 -4.72 20.97
C ILE A 57 -6.98 -4.66 22.50
N PRO A 58 -7.49 -5.53 23.43
CA PRO A 58 -7.03 -5.41 24.83
C PRO A 58 -5.59 -5.86 25.02
N PHE A 59 -5.13 -6.83 24.18
CA PHE A 59 -3.78 -7.39 24.16
C PHE A 59 -2.75 -6.30 23.82
N LEU A 60 -3.05 -5.46 22.80
CA LEU A 60 -2.18 -4.37 22.36
C LEU A 60 -2.19 -3.21 23.35
N HIS A 61 -3.32 -3.00 24.07
CA HIS A 61 -3.44 -1.95 25.07
C HIS A 61 -2.67 -2.32 26.33
N LYS A 62 -2.56 -3.64 26.63
CA LYS A 62 -1.81 -4.17 27.78
C LYS A 62 -0.31 -3.96 27.58
N LEU A 63 0.15 -4.02 26.32
CA LEU A 63 1.55 -3.79 25.93
C LEU A 63 1.90 -2.30 26.07
N LYS A 64 0.94 -1.41 25.74
CA LYS A 64 1.09 0.04 25.81
C LYS A 64 1.11 0.55 27.26
N PHE A 65 0.19 0.05 28.11
CA PHE A 65 0.06 0.44 29.51
C PHE A 65 0.96 -0.40 30.42
N GLY A 82 -2.38 8.27 21.07
CA GLY A 82 -3.01 8.08 22.38
C GLY A 82 -3.79 6.78 22.52
N THR A 83 -3.95 6.04 21.40
CA THR A 83 -4.66 4.76 21.33
C THR A 83 -3.63 3.62 21.09
N PRO A 84 -3.95 2.32 21.38
CA PRO A 84 -2.94 1.26 21.15
C PRO A 84 -2.48 1.12 19.71
N THR A 85 -1.16 1.10 19.49
CA THR A 85 -0.53 0.96 18.17
C THR A 85 -0.32 -0.54 17.86
N MET A 86 0.50 -0.86 16.82
CA MET A 86 0.86 -2.23 16.39
C MET A 86 -0.35 -3.06 15.92
N GLY A 87 -1.37 -2.37 15.39
CA GLY A 87 -2.59 -2.98 14.86
C GLY A 87 -2.43 -3.54 13.47
N GLY A 88 -1.25 -3.33 12.88
CA GLY A 88 -0.88 -3.83 11.56
C GLY A 88 -0.77 -5.34 11.53
N LEU A 89 -0.56 -5.95 12.73
CA LEU A 89 -0.49 -7.40 12.95
C LEU A 89 -1.84 -8.03 12.65
N ILE A 90 -2.95 -7.32 12.94
CA ILE A 90 -4.32 -7.77 12.65
C ILE A 90 -4.52 -7.79 11.13
N ILE A 91 -4.06 -6.71 10.43
CA ILE A 91 -4.14 -6.56 8.97
C ILE A 91 -3.34 -7.67 8.29
N LEU A 92 -2.09 -7.90 8.73
CA LEU A 92 -1.21 -8.94 8.20
C LEU A 92 -1.72 -10.36 8.49
N SER A 93 -2.16 -10.63 9.74
CA SER A 93 -2.72 -11.93 10.15
C SER A 93 -3.84 -12.35 9.21
N SER A 94 -4.75 -11.41 8.91
CA SER A 94 -5.89 -11.60 8.01
C SER A 94 -5.46 -11.89 6.56
N ILE A 95 -4.46 -11.15 6.04
CA ILE A 95 -3.94 -11.34 4.67
C ILE A 95 -3.30 -12.73 4.54
N ILE A 96 -2.36 -13.08 5.47
CA ILE A 96 -1.62 -14.36 5.49
C ILE A 96 -2.59 -15.56 5.51
N ILE A 97 -3.59 -15.55 6.41
CA ILE A 97 -4.59 -16.65 6.52
C ILE A 97 -5.35 -16.86 5.20
N THR A 98 -5.92 -15.77 4.61
CA THR A 98 -6.69 -15.80 3.36
C THR A 98 -5.85 -16.25 2.16
N SER A 99 -4.71 -15.57 1.92
CA SER A 99 -3.81 -15.85 0.80
C SER A 99 -3.16 -17.24 0.83
N VAL A 100 -3.10 -17.90 2.02
CA VAL A 100 -2.51 -19.24 2.17
C VAL A 100 -3.40 -20.31 1.49
N PHE A 101 -4.72 -20.05 1.38
CA PHE A 101 -5.66 -20.96 0.72
C PHE A 101 -5.58 -20.83 -0.80
N TYR A 102 -5.13 -19.66 -1.30
CA TYR A 102 -5.04 -19.37 -2.73
C TYR A 102 -3.66 -19.65 -3.35
N ILE A 103 -2.59 -19.75 -2.53
CA ILE A 103 -1.21 -20.01 -2.98
C ILE A 103 -1.12 -21.23 -3.96
N PRO A 104 -1.73 -22.43 -3.70
CA PRO A 104 -1.60 -23.53 -4.67
C PRO A 104 -2.21 -23.28 -6.06
N SER A 105 -3.30 -22.48 -6.13
CA SER A 105 -3.99 -22.15 -7.37
C SER A 105 -3.39 -20.90 -8.06
N TYR A 106 -3.02 -19.88 -7.27
CA TYR A 106 -2.46 -18.61 -7.73
C TYR A 106 -1.01 -18.50 -7.18
N PRO A 107 0.00 -19.07 -7.86
CA PRO A 107 1.37 -19.01 -7.31
C PRO A 107 2.02 -17.61 -7.27
N LYS A 108 1.62 -16.69 -8.17
CA LYS A 108 2.17 -15.33 -8.26
C LYS A 108 1.94 -14.46 -7.00
N ILE A 109 1.18 -15.00 -6.02
CA ILE A 109 0.87 -14.37 -4.72
C ILE A 109 2.14 -14.37 -3.84
N ILE A 110 2.86 -15.51 -3.78
CA ILE A 110 4.08 -15.74 -2.99
C ILE A 110 5.03 -14.50 -2.97
N PRO A 111 5.54 -13.94 -4.10
CA PRO A 111 6.42 -12.76 -4.01
C PRO A 111 5.76 -11.54 -3.37
N VAL A 112 4.47 -11.29 -3.68
CA VAL A 112 3.69 -10.18 -3.11
C VAL A 112 3.55 -10.37 -1.60
N LEU A 113 3.19 -11.60 -1.16
CA LEU A 113 3.04 -11.95 0.26
C LEU A 113 4.35 -11.76 1.02
N PHE A 114 5.47 -12.29 0.46
CA PHE A 114 6.81 -12.19 1.03
C PHE A 114 7.27 -10.73 1.25
N VAL A 115 6.96 -9.85 0.29
CA VAL A 115 7.32 -8.42 0.34
C VAL A 115 6.56 -7.69 1.47
N THR A 116 5.20 -7.83 1.55
CA THR A 116 4.40 -7.16 2.59
C THR A 116 4.77 -7.71 3.98
N VAL A 117 5.00 -9.03 4.11
CA VAL A 117 5.41 -9.66 5.37
C VAL A 117 6.83 -9.18 5.72
N GLY A 118 7.69 -9.06 4.71
CA GLY A 118 9.06 -8.56 4.84
C GLY A 118 9.12 -7.13 5.33
N PHE A 119 8.25 -6.26 4.78
CA PHE A 119 8.14 -4.85 5.19
C PHE A 119 7.41 -4.73 6.54
N GLY A 120 6.59 -5.74 6.84
CA GLY A 120 5.86 -5.86 8.10
C GLY A 120 6.79 -6.23 9.24
N ILE A 121 7.89 -6.95 8.94
CA ILE A 121 8.93 -7.35 9.89
C ILE A 121 9.62 -6.09 10.42
N ILE A 122 10.12 -5.21 9.50
CA ILE A 122 10.79 -3.94 9.83
C ILE A 122 9.88 -3.08 10.74
N GLY A 123 8.61 -3.00 10.39
CA GLY A 123 7.59 -2.28 11.12
C GLY A 123 7.31 -2.87 12.50
N PHE A 124 7.28 -4.23 12.60
CA PHE A 124 7.07 -4.95 13.86
C PHE A 124 8.24 -4.69 14.80
N LEU A 125 9.47 -4.65 14.26
CA LEU A 125 10.69 -4.36 15.02
C LEU A 125 10.67 -2.90 15.44
N ASP A 126 10.29 -1.97 14.52
CA ASP A 126 10.20 -0.53 14.76
C ASP A 126 9.26 -0.21 15.92
N ASP A 127 8.02 -0.76 15.88
CA ASP A 127 7.01 -0.57 16.91
C ASP A 127 7.36 -1.25 18.24
N TYR A 128 8.23 -2.27 18.22
CA TYR A 128 8.70 -2.96 19.42
C TYR A 128 9.68 -2.05 20.16
N ILE A 129 10.52 -1.30 19.39
CA ILE A 129 11.48 -0.31 19.90
C ILE A 129 10.69 0.88 20.50
N LYS A 130 9.57 1.25 19.84
CA LYS A 130 8.65 2.33 20.23
C LYS A 130 8.07 2.16 21.64
N ILE A 131 7.88 0.90 22.10
CA ILE A 131 7.37 0.60 23.45
C ILE A 131 8.54 0.39 24.43
N VAL A 132 9.54 -0.43 24.06
CA VAL A 132 10.72 -0.73 24.87
C VAL A 132 11.68 0.47 24.83
N LYS A 140 16.95 6.22 13.73
CA LYS A 140 15.83 5.43 13.22
C LYS A 140 15.46 5.73 11.75
N PRO A 141 15.34 7.01 11.25
CA PRO A 141 14.98 7.21 9.83
C PRO A 141 15.96 6.55 8.86
N MET A 142 17.27 6.61 9.17
CA MET A 142 18.32 5.98 8.36
C MET A 142 18.32 4.46 8.54
N GLN A 143 17.91 3.97 9.74
CA GLN A 143 17.79 2.54 10.06
C GLN A 143 16.60 1.92 9.30
N LYS A 144 15.50 2.70 9.16
CA LYS A 144 14.27 2.31 8.47
C LYS A 144 14.57 2.15 6.97
N LEU A 145 15.34 3.10 6.41
CA LEU A 145 15.77 3.12 5.01
C LEU A 145 16.73 1.95 4.68
N VAL A 146 17.50 1.49 5.68
CA VAL A 146 18.42 0.36 5.56
C VAL A 146 17.60 -0.95 5.46
N GLY A 147 16.61 -1.11 6.34
CA GLY A 147 15.72 -2.27 6.37
C GLY A 147 14.92 -2.44 5.10
N GLN A 148 14.39 -1.31 4.57
CA GLN A 148 13.62 -1.23 3.33
C GLN A 148 14.50 -1.59 2.12
N PHE A 149 15.82 -1.28 2.20
CA PHE A 149 16.81 -1.55 1.16
C PHE A 149 17.10 -3.04 0.99
N ILE A 150 17.11 -3.81 2.10
CA ILE A 150 17.37 -5.27 2.10
C ILE A 150 16.24 -6.02 1.39
N ILE A 151 14.96 -5.77 1.80
CA ILE A 151 13.75 -6.40 1.25
C ILE A 151 13.61 -6.13 -0.26
N THR A 152 13.85 -4.87 -0.69
CA THR A 152 13.79 -4.44 -2.10
C THR A 152 14.81 -5.23 -2.95
N GLY A 153 16.00 -5.47 -2.40
CA GLY A 153 17.07 -6.23 -3.02
C GLY A 153 16.69 -7.67 -3.31
N ILE A 154 16.10 -8.37 -2.31
CA ILE A 154 15.65 -9.77 -2.45
C ILE A 154 14.54 -9.85 -3.51
N PHE A 155 13.64 -8.83 -3.55
CA PHE A 155 12.56 -8.72 -4.54
C PHE A 155 13.14 -8.43 -5.94
N ALA A 156 14.22 -7.62 -6.02
CA ALA A 156 14.93 -7.31 -7.28
C ALA A 156 15.57 -8.58 -7.83
N TRP A 157 16.07 -9.44 -6.92
CA TRP A 157 16.69 -10.73 -7.22
C TRP A 157 15.64 -11.70 -7.80
N TYR A 158 14.43 -11.74 -7.20
CA TYR A 158 13.32 -12.59 -7.66
C TYR A 158 12.86 -12.21 -9.08
N LEU A 159 12.77 -10.89 -9.36
CA LEU A 159 12.32 -10.36 -10.66
C LEU A 159 13.29 -10.61 -11.80
N LEU A 160 14.60 -10.44 -11.55
CA LEU A 160 15.62 -10.59 -12.59
C LEU A 160 16.06 -12.03 -12.85
N ASN A 161 16.19 -12.86 -11.80
CA ASN A 161 16.65 -14.25 -11.94
C ASN A 161 15.60 -15.19 -12.53
N SER A 162 14.35 -15.16 -12.01
CA SER A 162 13.28 -16.01 -12.53
C SER A 162 12.55 -15.30 -13.67
N GLY A 163 11.84 -16.07 -14.49
CA GLY A 163 11.09 -15.56 -15.63
C GLY A 163 9.59 -15.65 -15.49
N GLU A 164 9.07 -15.40 -14.27
CA GLU A 164 7.64 -15.48 -13.99
C GLU A 164 6.90 -14.25 -14.53
N VAL A 165 7.56 -13.08 -14.51
CA VAL A 165 7.01 -11.79 -14.94
C VAL A 165 8.05 -10.97 -15.76
N GLY A 166 7.55 -10.15 -16.68
CA GLY A 166 8.36 -9.28 -17.52
C GLY A 166 8.78 -8.02 -16.78
N THR A 167 10.00 -7.54 -17.06
CA THR A 167 10.62 -6.36 -16.43
C THR A 167 10.14 -5.04 -17.04
N ASP A 168 9.42 -5.07 -18.18
CA ASP A 168 8.93 -3.88 -18.88
C ASP A 168 7.88 -3.10 -18.08
N MET A 169 7.71 -1.81 -18.40
CA MET A 169 6.74 -0.95 -17.71
C MET A 169 5.73 -0.41 -18.69
N LEU A 170 4.43 -0.68 -18.47
CA LEU A 170 3.40 -0.14 -19.34
C LEU A 170 3.21 1.36 -19.08
N ILE A 171 3.26 2.13 -20.20
CA ILE A 171 3.06 3.58 -20.25
C ILE A 171 1.54 3.85 -20.19
N PRO A 172 1.05 4.71 -19.27
CA PRO A 172 -0.40 4.91 -19.09
C PRO A 172 -1.28 5.19 -20.33
N PHE A 173 -1.29 6.41 -20.92
CA PHE A 173 -2.24 6.63 -22.01
C PHE A 173 -1.63 6.37 -23.40
N THR A 174 -1.28 5.09 -23.68
CA THR A 174 -0.67 4.70 -24.96
C THR A 174 -1.54 3.72 -25.77
N GLY A 175 -2.17 2.76 -25.12
CA GLY A 175 -3.05 1.79 -25.77
C GLY A 175 -3.22 0.46 -25.06
N GLY A 176 -3.00 0.45 -23.74
CA GLY A 176 -3.12 -0.73 -22.88
C GLY A 176 -2.08 -1.80 -23.09
N PHE A 177 -2.28 -2.98 -22.46
CA PHE A 177 -1.35 -4.10 -22.57
C PHE A 177 -1.30 -4.70 -23.98
N ASP A 178 -2.43 -4.64 -24.72
CA ASP A 178 -2.54 -5.12 -26.10
C ASP A 178 -1.72 -4.23 -27.02
N GLY A 179 -2.15 -2.98 -27.23
CA GLY A 179 -1.42 -2.01 -28.03
C GLY A 179 -0.27 -1.42 -27.24
N GLY A 180 -0.49 -0.23 -26.68
CA GLY A 180 0.39 0.52 -25.79
C GLY A 180 1.85 0.69 -26.17
N SER A 181 2.65 1.01 -25.16
CA SER A 181 4.10 1.23 -25.24
C SER A 181 4.72 0.75 -23.94
N PHE A 182 5.82 -0.01 -24.02
CA PHE A 182 6.50 -0.55 -22.85
C PHE A 182 7.88 0.05 -22.61
N LEU A 183 8.02 0.82 -21.53
CA LEU A 183 9.27 1.46 -21.14
C LEU A 183 10.22 0.42 -20.55
N SER A 184 11.46 0.41 -21.05
CA SER A 184 12.53 -0.47 -20.63
C SER A 184 13.82 0.33 -20.54
N LEU A 185 14.67 0.03 -19.55
CA LEU A 185 15.97 0.71 -19.41
C LEU A 185 17.11 -0.27 -19.03
N GLY A 186 16.74 -1.49 -18.65
CA GLY A 186 17.65 -2.59 -18.32
C GLY A 186 18.59 -2.37 -17.16
N ILE A 187 19.68 -1.62 -17.42
CA ILE A 187 20.72 -1.24 -16.45
C ILE A 187 20.08 -0.44 -15.31
N PHE A 188 19.17 0.47 -15.66
CA PHE A 188 18.46 1.35 -14.74
C PHE A 188 17.24 0.68 -14.08
N PHE A 189 16.95 -0.62 -14.38
CA PHE A 189 15.81 -1.33 -13.78
C PHE A 189 15.90 -1.39 -12.26
N VAL A 190 17.05 -1.84 -11.72
CA VAL A 190 17.31 -1.94 -10.27
C VAL A 190 17.29 -0.54 -9.60
N PRO A 191 18.06 0.50 -10.06
CA PRO A 191 17.95 1.83 -9.41
C PRO A 191 16.54 2.43 -9.47
N ALA A 192 15.81 2.23 -10.60
CA ALA A 192 14.44 2.71 -10.76
C ALA A 192 13.48 1.99 -9.82
N LEU A 193 13.72 0.68 -9.56
CA LEU A 193 12.93 -0.13 -8.63
C LEU A 193 13.09 0.41 -7.21
N PHE A 194 14.35 0.63 -6.77
CA PHE A 194 14.66 1.15 -5.45
C PHE A 194 14.03 2.53 -5.21
N PHE A 195 14.14 3.40 -6.18
CA PHE A 195 13.61 4.74 -6.09
C PHE A 195 12.09 4.85 -5.99
N ILE A 196 11.37 4.04 -6.76
CA ILE A 196 9.90 3.98 -6.69
C ILE A 196 9.42 3.17 -5.46
N MET A 197 10.09 2.04 -5.11
CA MET A 197 9.73 1.23 -3.95
C MET A 197 9.92 2.00 -2.64
N LEU A 198 11.03 2.75 -2.50
CA LEU A 198 11.28 3.57 -1.31
C LEU A 198 10.31 4.74 -1.25
N GLY A 199 10.04 5.35 -2.41
CA GLY A 199 9.10 6.46 -2.55
C GLY A 199 7.68 6.07 -2.16
N THR A 200 7.21 4.91 -2.69
CA THR A 200 5.91 4.33 -2.39
C THR A 200 5.80 3.97 -0.90
N ASP A 201 6.78 3.21 -0.36
CA ASP A 201 6.79 2.78 1.04
C ASP A 201 6.79 3.94 2.03
N ASN A 202 7.62 4.97 1.78
CA ASN A 202 7.66 6.14 2.65
C ASN A 202 6.41 7.01 2.47
N GLY A 203 5.91 7.11 1.24
CA GLY A 203 4.69 7.82 0.91
C GLY A 203 3.47 7.27 1.64
N VAL A 204 3.36 5.93 1.69
CA VAL A 204 2.28 5.21 2.39
C VAL A 204 2.44 5.42 3.93
N ASN A 205 3.68 5.35 4.44
CA ASN A 205 4.03 5.56 5.86
C ASN A 205 3.65 6.96 6.33
N PHE A 206 3.88 7.98 5.47
CA PHE A 206 3.56 9.38 5.77
C PHE A 206 2.05 9.64 5.76
N THR A 207 1.29 8.84 4.98
CA THR A 207 -0.17 8.91 4.86
C THR A 207 -0.84 8.45 6.16
N ASP A 208 -0.19 7.56 6.91
CA ASP A 208 -0.75 7.04 8.17
C ASP A 208 -0.57 8.03 9.34
N GLY A 209 -1.27 9.16 9.26
CA GLY A 209 -1.20 10.22 10.25
C GLY A 209 -2.51 10.63 10.87
N LEU A 210 -3.62 10.32 10.19
CA LEU A 210 -4.97 10.62 10.68
C LEU A 210 -5.78 9.34 10.74
N ASP A 211 -6.85 9.32 11.57
CA ASP A 211 -7.74 8.16 11.71
C ASP A 211 -8.40 7.84 10.37
N GLY A 212 -8.35 6.57 9.97
CA GLY A 212 -8.93 6.07 8.73
C GLY A 212 -8.28 6.48 7.42
N LEU A 213 -7.27 7.42 7.45
CA LEU A 213 -6.61 7.99 6.27
C LEU A 213 -5.89 6.98 5.38
N CYS A 214 -4.86 6.30 5.90
CA CYS A 214 -4.08 5.33 5.15
C CYS A 214 -4.98 4.16 4.71
N THR A 215 -5.80 3.66 5.64
CA THR A 215 -6.75 2.58 5.40
C THR A 215 -7.69 2.93 4.24
N SER A 216 -8.43 4.06 4.30
CA SER A 216 -9.36 4.47 3.24
C SER A 216 -8.72 4.60 1.85
N VAL A 217 -7.55 5.27 1.77
CA VAL A 217 -6.84 5.48 0.52
C VAL A 217 -6.34 4.14 -0.05
N THR A 218 -5.76 3.25 0.80
CA THR A 218 -5.23 1.96 0.37
C THR A 218 -6.33 1.00 -0.08
N ILE A 219 -7.55 1.05 0.54
CA ILE A 219 -8.68 0.21 0.13
C ILE A 219 -8.98 0.45 -1.37
N LEU A 220 -9.01 1.75 -1.75
CA LEU A 220 -9.29 2.20 -3.11
C LEU A 220 -8.16 1.81 -4.08
N VAL A 221 -6.90 1.92 -3.65
CA VAL A 221 -5.74 1.54 -4.45
C VAL A 221 -5.79 0.00 -4.67
N ALA A 222 -6.06 -0.78 -3.61
CA ALA A 222 -6.14 -2.24 -3.67
C ALA A 222 -7.33 -2.74 -4.49
N THR A 223 -8.47 -1.99 -4.47
CA THR A 223 -9.66 -2.31 -5.27
C THR A 223 -9.30 -2.17 -6.74
N PHE A 224 -8.59 -1.08 -7.11
CA PHE A 224 -8.15 -0.86 -8.48
C PHE A 224 -7.30 -2.05 -8.96
N LEU A 225 -6.29 -2.44 -8.16
CA LEU A 225 -5.41 -3.55 -8.48
C LEU A 225 -6.15 -4.88 -8.65
N THR A 226 -7.27 -5.06 -7.92
CA THR A 226 -8.12 -6.26 -7.99
C THR A 226 -8.83 -6.31 -9.33
N ILE A 227 -9.51 -5.20 -9.72
CA ILE A 227 -10.23 -5.07 -11.00
C ILE A 227 -9.28 -5.28 -12.16
N VAL A 228 -8.08 -4.67 -12.08
CA VAL A 228 -7.04 -4.78 -13.11
C VAL A 228 -6.46 -6.21 -13.16
N ALA A 229 -6.09 -6.80 -12.00
CA ALA A 229 -5.53 -8.17 -11.91
C ALA A 229 -6.47 -9.25 -12.45
N ILE A 230 -7.81 -8.99 -12.40
CA ILE A 230 -8.81 -9.91 -12.93
C ILE A 230 -8.91 -9.71 -14.45
N GLY A 231 -9.25 -8.49 -14.88
CA GLY A 231 -9.43 -8.11 -16.27
C GLY A 231 -8.25 -8.41 -17.17
N GLU A 232 -7.02 -8.15 -16.68
CA GLU A 232 -5.79 -8.36 -17.45
C GLU A 232 -5.18 -9.74 -17.24
N ASP A 233 -5.89 -10.62 -16.50
CA ASP A 233 -5.55 -12.00 -16.18
C ASP A 233 -4.13 -12.16 -15.57
N MET A 234 -3.80 -11.33 -14.57
CA MET A 234 -2.55 -11.49 -13.82
C MET A 234 -2.86 -12.56 -12.76
N GLY A 235 -1.95 -12.84 -11.84
CA GLY A 235 -2.23 -13.90 -10.87
C GLY A 235 -2.29 -13.50 -9.42
N ILE A 236 -2.48 -12.20 -9.14
CA ILE A 236 -2.42 -11.62 -7.80
C ILE A 236 -3.77 -11.07 -7.26
N SER A 237 -4.88 -11.26 -7.98
CA SER A 237 -6.19 -10.75 -7.55
C SER A 237 -6.63 -11.27 -6.16
N PRO A 238 -6.41 -12.54 -5.72
CA PRO A 238 -6.86 -12.91 -4.36
C PRO A 238 -6.14 -12.18 -3.22
N ILE A 239 -4.83 -11.84 -3.39
CA ILE A 239 -4.08 -11.09 -2.36
C ILE A 239 -4.45 -9.59 -2.39
N THR A 240 -4.65 -9.00 -3.59
CA THR A 240 -5.06 -7.59 -3.70
C THR A 240 -6.46 -7.44 -3.09
N GLY A 241 -7.29 -8.46 -3.29
CA GLY A 241 -8.63 -8.56 -2.74
C GLY A 241 -8.58 -8.80 -1.25
N ALA A 242 -7.64 -9.65 -0.77
CA ALA A 242 -7.45 -9.94 0.66
C ALA A 242 -7.10 -8.67 1.40
N VAL A 243 -6.26 -7.80 0.79
CA VAL A 243 -5.89 -6.49 1.34
C VAL A 243 -7.16 -5.59 1.48
N VAL A 244 -8.09 -5.61 0.48
CA VAL A 244 -9.36 -4.85 0.49
C VAL A 244 -10.21 -5.31 1.69
N GLY A 245 -10.43 -6.61 1.80
CA GLY A 245 -11.19 -7.23 2.86
C GLY A 245 -10.60 -6.98 4.24
N SER A 246 -9.29 -7.22 4.38
CA SER A 246 -8.55 -7.00 5.62
C SER A 246 -8.64 -5.55 6.08
N LEU A 247 -8.46 -4.60 5.15
CA LEU A 247 -8.52 -3.18 5.49
C LEU A 247 -9.95 -2.70 5.81
N LEU A 248 -10.99 -3.30 5.18
CA LEU A 248 -12.38 -2.94 5.47
C LEU A 248 -12.77 -3.33 6.89
N GLY A 249 -12.22 -4.45 7.37
CA GLY A 249 -12.41 -4.94 8.73
C GLY A 249 -11.77 -4.02 9.75
N PHE A 250 -10.49 -3.64 9.49
CA PHE A 250 -9.70 -2.73 10.33
C PHE A 250 -10.34 -1.33 10.40
N LEU A 251 -10.84 -0.82 9.24
CA LEU A 251 -11.46 0.51 9.11
C LEU A 251 -12.64 0.72 10.08
N LEU A 252 -13.38 -0.37 10.40
CA LEU A 252 -14.50 -0.32 11.36
C LEU A 252 -14.00 0.22 12.72
N PHE A 253 -12.80 -0.25 13.15
CA PHE A 253 -12.16 0.06 14.42
C PHE A 253 -11.12 1.18 14.34
N ASN A 254 -10.72 1.58 13.13
CA ASN A 254 -9.69 2.61 12.97
C ASN A 254 -10.24 4.01 12.68
N VAL A 255 -11.47 4.10 12.15
CA VAL A 255 -12.16 5.36 11.84
C VAL A 255 -12.30 6.24 13.12
N TYR A 256 -12.31 7.58 12.97
CA TYR A 256 -12.37 8.50 14.12
C TYR A 256 -13.53 8.25 15.11
N PRO A 257 -13.27 8.11 16.43
CA PRO A 257 -11.96 8.11 17.12
C PRO A 257 -11.31 6.73 17.10
N ALA A 258 -10.13 6.61 16.49
CA ALA A 258 -9.40 5.36 16.32
C ALA A 258 -9.28 4.54 17.60
N LYS A 259 -9.74 3.28 17.53
CA LYS A 259 -9.70 2.31 18.61
C LYS A 259 -8.29 1.68 18.66
N VAL A 260 -7.70 1.49 17.48
CA VAL A 260 -6.37 0.94 17.26
C VAL A 260 -5.60 1.73 16.24
N PHE A 261 -4.29 1.49 16.20
CA PHE A 261 -3.41 2.11 15.21
C PHE A 261 -2.61 1.08 14.46
N MET A 262 -2.23 1.42 13.24
CA MET A 262 -1.71 0.42 12.33
C MET A 262 -0.38 -0.15 12.71
N GLY A 263 0.59 0.70 12.99
CA GLY A 263 1.84 0.58 12.27
C GLY A 263 2.36 1.90 11.79
N ASP A 264 3.25 1.91 10.80
CA ASP A 264 4.56 1.27 10.81
C ASP A 264 4.60 -0.23 10.65
N THR A 265 4.00 -1.01 11.54
CA THR A 265 3.83 -2.42 11.24
C THR A 265 2.93 -2.63 10.06
N GLY A 266 1.78 -1.97 10.05
CA GLY A 266 0.95 -1.89 8.87
C GLY A 266 1.37 -1.05 7.71
N SER A 267 1.78 0.16 7.98
CA SER A 267 1.96 1.13 6.93
C SER A 267 3.07 0.74 5.99
N LEU A 268 4.11 0.13 6.51
CA LEU A 268 5.24 -0.31 5.70
C LEU A 268 4.85 -1.56 4.91
N ALA A 269 4.05 -2.46 5.54
CA ALA A 269 3.55 -3.68 4.90
C ALA A 269 2.70 -3.33 3.67
N LEU A 270 1.74 -2.38 3.82
CA LEU A 270 0.85 -1.95 2.72
C LEU A 270 1.60 -1.23 1.61
N GLY A 271 2.63 -0.47 1.98
CA GLY A 271 3.51 0.24 1.06
C GLY A 271 4.33 -0.70 0.20
N GLY A 272 4.63 -1.88 0.77
CA GLY A 272 5.34 -2.95 0.08
C GLY A 272 4.41 -3.62 -0.91
N PHE A 273 3.16 -3.90 -0.46
CA PHE A 273 2.07 -4.50 -1.24
C PHE A 273 1.78 -3.69 -2.50
N VAL A 274 1.65 -2.34 -2.36
CA VAL A 274 1.33 -1.41 -3.46
C VAL A 274 2.43 -1.46 -4.54
N ALA A 275 3.71 -1.34 -4.13
CA ALA A 275 4.88 -1.40 -5.02
C ALA A 275 5.07 -2.77 -5.66
N ALA A 276 4.93 -3.87 -4.87
CA ALA A 276 5.11 -5.25 -5.36
C ALA A 276 4.03 -5.65 -6.37
N SER A 277 2.75 -5.27 -6.11
CA SER A 277 1.60 -5.57 -6.99
C SER A 277 1.80 -4.92 -8.35
N CYS A 278 2.16 -3.62 -8.35
CA CYS A 278 2.42 -2.84 -9.56
C CYS A 278 3.56 -3.41 -10.36
N TYR A 279 4.59 -3.93 -9.68
CA TYR A 279 5.71 -4.57 -10.35
C TYR A 279 5.29 -5.92 -10.92
N MET A 280 4.45 -6.69 -10.19
CA MET A 280 3.92 -7.97 -10.68
C MET A 280 3.00 -7.81 -11.90
N MET A 281 2.42 -6.60 -12.06
CA MET A 281 1.49 -6.27 -13.14
C MET A 281 2.10 -5.39 -14.24
N ARG A 282 3.38 -5.01 -14.13
CA ARG A 282 4.12 -4.15 -15.07
C ARG A 282 3.54 -2.71 -15.10
N MET A 283 2.94 -2.30 -13.98
CA MET A 283 2.33 -0.98 -13.80
C MET A 283 3.02 -0.03 -12.76
N PRO A 284 4.38 0.09 -12.64
CA PRO A 284 4.94 1.06 -11.67
C PRO A 284 4.68 2.51 -12.08
N LEU A 285 4.55 2.75 -13.41
CA LEU A 285 4.26 4.05 -14.03
C LEU A 285 2.83 4.54 -13.70
N PHE A 286 1.98 3.67 -13.11
CA PHE A 286 0.63 3.99 -12.68
C PHE A 286 0.59 4.45 -11.22
N ILE A 287 1.65 4.14 -10.42
CA ILE A 287 1.77 4.55 -9.02
C ILE A 287 1.66 6.10 -8.87
N PRO A 288 2.28 6.97 -9.74
CA PRO A 288 2.09 8.43 -9.56
C PRO A 288 0.63 8.89 -9.70
N VAL A 289 -0.21 8.14 -10.44
CA VAL A 289 -1.62 8.52 -10.66
C VAL A 289 -2.52 7.81 -9.64
N ILE A 290 -2.41 6.47 -9.50
CA ILE A 290 -3.18 5.67 -8.53
C ILE A 290 -2.84 6.04 -7.07
N GLY A 291 -1.58 6.38 -6.84
CA GLY A 291 -1.06 6.76 -5.54
C GLY A 291 -0.54 8.18 -5.49
N LEU A 292 -1.27 9.13 -6.13
CA LEU A 292 -0.92 10.56 -6.11
C LEU A 292 -0.90 11.08 -4.67
N ILE A 293 -1.81 10.56 -3.81
CA ILE A 293 -1.85 10.94 -2.39
C ILE A 293 -0.54 10.53 -1.72
N TYR A 294 -0.07 9.28 -1.97
CA TYR A 294 1.19 8.78 -1.42
C TYR A 294 2.35 9.66 -1.89
N LEU A 295 2.34 10.01 -3.20
CA LEU A 295 3.36 10.83 -3.85
C LEU A 295 3.42 12.23 -3.28
N VAL A 296 2.25 12.88 -3.13
CA VAL A 296 2.10 14.24 -2.58
C VAL A 296 2.54 14.29 -1.09
N GLU A 297 2.36 13.19 -0.33
CA GLU A 297 2.79 13.09 1.07
C GLU A 297 4.32 13.12 1.22
N VAL A 298 5.07 12.30 0.43
CA VAL A 298 6.55 12.31 0.46
C VAL A 298 7.07 13.62 -0.10
N LEU A 299 6.55 14.03 -1.28
CA LEU A 299 6.92 15.25 -2.01
C LEU A 299 6.77 16.53 -1.15
N SER A 300 5.68 16.65 -0.38
CA SER A 300 5.44 17.82 0.51
C SER A 300 6.50 17.89 1.62
N VAL A 301 6.96 16.72 2.12
CA VAL A 301 8.02 16.64 3.14
C VAL A 301 9.35 17.05 2.49
N ILE A 302 9.69 16.47 1.30
CA ILE A 302 10.92 16.81 0.55
C ILE A 302 11.01 18.33 0.31
N ILE A 303 9.89 18.95 -0.12
CA ILE A 303 9.81 20.40 -0.37
C ILE A 303 9.94 21.19 0.96
N GLN A 304 9.18 20.81 2.02
CA GLN A 304 9.26 21.50 3.32
C GLN A 304 10.63 21.44 3.96
N VAL A 305 11.23 20.23 4.09
CA VAL A 305 12.54 20.02 4.71
C VAL A 305 13.66 20.73 3.92
N THR A 306 13.66 20.64 2.57
CA THR A 306 14.67 21.28 1.71
C THR A 306 14.55 22.81 1.74
N TYR A 307 13.32 23.36 1.54
CA TYR A 307 13.06 24.80 1.55
C TYR A 307 13.42 25.45 2.91
N PHE A 308 13.05 24.79 4.03
CA PHE A 308 13.33 25.20 5.41
C PHE A 308 14.82 25.41 5.64
N LYS A 309 15.65 24.48 5.14
CA LYS A 309 17.11 24.52 5.27
C LYS A 309 17.76 25.54 4.33
N ARG A 310 17.24 25.67 3.08
CA ARG A 310 17.71 26.60 2.06
C ARG A 310 17.45 28.05 2.45
N THR A 311 16.42 28.30 3.28
CA THR A 311 16.03 29.63 3.76
C THR A 311 16.42 29.77 5.25
N GLY A 312 15.93 30.83 5.88
CA GLY A 312 16.20 31.08 7.30
C GLY A 312 15.21 30.40 8.23
N GLY A 313 14.71 29.24 7.81
CA GLY A 313 13.73 28.47 8.55
C GLY A 313 12.30 28.72 8.08
N LYS A 314 12.15 29.30 6.87
CA LYS A 314 10.84 29.63 6.25
C LYS A 314 10.03 28.37 5.91
N ARG A 315 8.69 28.52 5.84
CA ARG A 315 7.78 27.42 5.54
C ARG A 315 7.07 27.59 4.20
N ILE A 316 7.02 26.51 3.42
CA ILE A 316 6.34 26.48 2.12
C ILE A 316 4.89 25.96 2.27
N PHE A 317 4.63 25.24 3.37
CA PHE A 317 3.33 24.71 3.80
C PHE A 317 3.17 25.03 5.29
N LYS A 318 1.92 25.04 5.81
CA LYS A 318 1.67 25.29 7.24
C LYS A 318 2.37 24.21 8.08
N MET A 319 2.30 22.94 7.58
CA MET A 319 2.95 21.75 8.15
C MET A 319 3.01 20.64 7.09
N ALA A 320 4.07 19.81 7.13
CA ALA A 320 4.22 18.65 6.26
C ALA A 320 4.16 17.34 7.07
N PRO A 321 3.58 16.22 6.55
CA PRO A 321 2.95 16.03 5.22
C PRO A 321 1.73 16.92 5.02
N ILE A 322 1.28 17.04 3.76
CA ILE A 322 0.19 17.91 3.32
C ILE A 322 -1.15 17.69 4.09
N HIS A 323 -1.38 16.50 4.71
CA HIS A 323 -2.62 16.30 5.48
C HIS A 323 -2.70 17.25 6.69
N HIS A 324 -1.54 17.51 7.34
CA HIS A 324 -1.41 18.45 8.46
C HIS A 324 -1.60 19.88 7.97
N HIS A 325 -1.23 20.18 6.70
CA HIS A 325 -1.40 21.49 6.10
C HIS A 325 -2.88 21.90 6.05
N PHE A 326 -3.75 21.01 5.54
CA PHE A 326 -5.19 21.25 5.43
C PHE A 326 -5.87 21.39 6.80
N GLU A 327 -5.44 20.57 7.77
CA GLU A 327 -5.94 20.62 9.14
C GLU A 327 -5.71 22.03 9.71
N LEU A 328 -4.50 22.59 9.47
CA LEU A 328 -4.10 23.92 9.88
C LEU A 328 -4.78 25.02 9.06
N CYS A 329 -5.44 24.63 7.95
CA CYS A 329 -6.23 25.52 7.08
C CYS A 329 -7.69 25.59 7.60
N GLY A 330 -8.01 24.72 8.56
CA GLY A 330 -9.34 24.66 9.17
C GLY A 330 -10.15 23.44 8.78
N TRP A 331 -9.55 22.50 8.03
CA TRP A 331 -10.21 21.26 7.60
C TRP A 331 -10.31 20.28 8.76
N SER A 332 -11.46 19.65 8.88
CA SER A 332 -11.77 18.60 9.84
C SER A 332 -10.91 17.36 9.52
N GLU A 333 -10.58 16.56 10.56
CA GLU A 333 -9.83 15.30 10.44
C GLU A 333 -10.56 14.43 9.40
N THR A 334 -11.91 14.37 9.47
CA THR A 334 -12.84 13.64 8.60
C THR A 334 -12.88 14.19 7.17
N ARG A 335 -12.80 15.54 6.99
CA ARG A 335 -12.75 16.20 5.67
C ARG A 335 -11.53 15.74 4.91
N VAL A 336 -10.36 15.76 5.58
CA VAL A 336 -9.09 15.35 5.00
C VAL A 336 -9.19 13.89 4.55
N VAL A 337 -9.72 13.00 5.43
CA VAL A 337 -9.90 11.58 5.11
C VAL A 337 -10.83 11.40 3.89
N ALA A 338 -11.95 12.14 3.84
CA ALA A 338 -12.90 12.06 2.73
C ALA A 338 -12.35 12.60 1.41
N VAL A 339 -11.72 13.80 1.42
CA VAL A 339 -11.17 14.46 0.23
C VAL A 339 -10.06 13.61 -0.40
N PHE A 340 -9.16 13.07 0.43
CA PHE A 340 -8.05 12.23 -0.04
C PHE A 340 -8.54 10.93 -0.68
N ALA A 341 -9.61 10.33 -0.12
CA ALA A 341 -10.22 9.09 -0.61
C ALA A 341 -10.98 9.30 -1.93
N ILE A 342 -11.79 10.39 -2.02
CA ILE A 342 -12.57 10.79 -3.21
C ILE A 342 -11.59 11.07 -4.38
N VAL A 343 -10.47 11.78 -4.11
CA VAL A 343 -9.42 12.09 -5.09
C VAL A 343 -8.83 10.78 -5.62
N THR A 344 -8.44 9.86 -4.72
CA THR A 344 -7.91 8.53 -5.07
C THR A 344 -8.90 7.78 -5.99
N ALA A 345 -10.20 7.79 -5.64
CA ALA A 345 -11.25 7.13 -6.43
C ALA A 345 -11.31 7.67 -7.86
N ILE A 346 -11.30 9.01 -8.03
CA ILE A 346 -11.37 9.68 -9.34
C ILE A 346 -10.15 9.37 -10.17
N LEU A 347 -8.96 9.39 -9.53
CA LEU A 347 -7.69 9.09 -10.19
C LEU A 347 -7.54 7.62 -10.58
N CYS A 348 -8.18 6.70 -9.82
CA CYS A 348 -8.18 5.26 -10.13
C CYS A 348 -8.99 5.05 -11.40
N MET A 349 -10.07 5.82 -11.56
CA MET A 349 -10.92 5.77 -12.74
C MET A 349 -10.17 6.36 -13.93
N VAL A 350 -9.41 7.44 -13.72
CA VAL A 350 -8.60 8.11 -14.75
C VAL A 350 -7.51 7.15 -15.23
N ALA A 351 -6.83 6.48 -14.26
CA ALA A 351 -5.81 5.47 -14.51
C ALA A 351 -6.33 4.32 -15.34
N TYR A 352 -7.57 3.85 -15.04
CA TYR A 352 -8.24 2.76 -15.76
C TYR A 352 -8.42 3.12 -17.22
N LEU A 353 -8.83 4.38 -17.51
CA LEU A 353 -9.00 4.91 -18.87
C LEU A 353 -7.66 4.89 -19.63
N GLY A 354 -6.57 4.76 -18.87
CA GLY A 354 -5.21 4.65 -19.39
C GLY A 354 -4.80 3.20 -19.57
N LEU A 355 -5.76 2.34 -19.97
CA LEU A 355 -5.56 0.91 -20.24
C LEU A 355 -6.34 0.46 -21.51
N GLY A 356 -7.12 1.39 -22.07
CA GLY A 356 -7.92 1.15 -23.27
C GLY A 356 -7.14 1.26 -24.55
#